data_8JHW
#
_entry.id   8JHW
#
_cell.length_a   86.940
_cell.length_b   86.940
_cell.length_c   293.730
_cell.angle_alpha   90.000
_cell.angle_beta   90.000
_cell.angle_gamma   120.000
#
_symmetry.space_group_name_H-M   'P 65 2 2'
#
loop_
_entity.id
_entity.type
_entity.pdbx_description
1 polymer 'H-2 class I histocompatibility antigen, K-B alpha chain'
2 polymer Beta-2-microglobulin
3 polymer VAL-THR-PHE-GLU-LYS-SER-TYR-ASN-THR-VAL
4 non-polymer 1,2-ETHANEDIOL
5 water water
#
loop_
_entity_poly.entity_id
_entity_poly.type
_entity_poly.pdbx_seq_one_letter_code
_entity_poly.pdbx_strand_id
1 'polypeptide(L)'
;GPHSLRYFVTAVSRPGLGEPRYMEVGYVDDTEFVRFDSDAENPRYEPRARWMEQEGPEYWERETQKAKGNEQSFRVDLRT
LLGYYNQSKGGSHTIQVISGCEVGSDGRLLRGYQQYAYDGCDYIALNEDLKTWTAADMAALITKHKWEQAGEAERLRAYL
EGTCVEWLRRYLKNGNATLLRTDSPKAHVTHHSRPEDKVTLRCWALGFYPADITLTWQLNGEELIQDMELVETRPAGDGT
FQKWASVVVPLGKEQYYTCHVYHQGLPEPLTLRWE
;
A
2 'polypeptide(L)'
;MIQKTPQIQVYSRHPPENGKPNILNCYVTQFHPPHIEIQMLKNGKKIPKVEMSDMSFSKDWSFYILAHTEFTPTETDTYA
CRVKHASMAEPKTVYWDRDM
;
B
3 'polypeptide(L)' VTFEKSYNTV C
#
loop_
_chem_comp.id
_chem_comp.type
_chem_comp.name
_chem_comp.formula
EDO non-polymer 1,2-ETHANEDIOL 'C2 H6 O2'
#
# COMPACT_ATOMS: atom_id res chain seq x y z
N GLY A 1 14.93 14.67 -0.16
CA GLY A 1 13.51 15.09 -0.27
C GLY A 1 12.89 15.37 1.10
N PRO A 2 11.55 15.54 1.17
CA PRO A 2 10.86 15.73 2.46
C PRO A 2 10.57 14.39 3.17
N HIS A 3 11.13 14.22 4.37
CA HIS A 3 10.92 13.04 5.25
C HIS A 3 9.53 13.15 5.87
N SER A 4 8.95 12.02 6.28
CA SER A 4 7.55 11.94 6.81
C SER A 4 7.43 10.82 7.85
N LEU A 5 6.73 11.10 8.96
CA LEU A 5 6.20 10.09 9.91
C LEU A 5 4.67 10.12 9.78
N ARG A 6 4.07 9.04 9.27
CA ARG A 6 2.61 8.91 9.02
C ARG A 6 2.09 7.66 9.73
N TYR A 7 0.89 7.75 10.31
CA TYR A 7 0.17 6.63 10.99
C TYR A 7 -1.16 6.40 10.29
N PHE A 8 -1.35 5.18 9.77
CA PHE A 8 -2.52 4.73 8.98
C PHE A 8 -3.37 3.80 9.86
N VAL A 9 -4.58 4.26 10.19
CA VAL A 9 -5.48 3.62 11.21
C VAL A 9 -6.80 3.21 10.54
N THR A 10 -7.20 1.96 10.71
CA THR A 10 -8.45 1.37 10.15
C THR A 10 -9.22 0.66 11.27
N ALA A 11 -10.49 1.00 11.43
CA ALA A 11 -11.47 0.29 12.29
C ALA A 11 -12.63 -0.17 11.41
N VAL A 12 -12.82 -1.49 11.31
CA VAL A 12 -13.83 -2.15 10.42
C VAL A 12 -14.78 -2.98 11.28
N SER A 13 -16.05 -2.55 11.38
CA SER A 13 -17.10 -3.22 12.17
C SER A 13 -17.45 -4.58 11.55
N ARG A 14 -17.73 -5.57 12.39
CA ARG A 14 -18.07 -6.96 11.97
C ARG A 14 -19.33 -7.40 12.73
N PRO A 15 -20.47 -6.69 12.54
CA PRO A 15 -21.67 -6.92 13.33
C PRO A 15 -22.06 -8.42 13.40
N GLY A 16 -22.21 -8.93 14.63
CA GLY A 16 -22.47 -10.35 14.94
C GLY A 16 -21.17 -11.11 15.18
N LEU A 17 -20.13 -10.82 14.40
CA LEU A 17 -18.89 -11.64 14.26
C LEU A 17 -17.78 -11.04 15.14
N GLY A 18 -18.09 -10.77 16.42
CA GLY A 18 -17.15 -10.20 17.41
C GLY A 18 -17.14 -8.69 17.38
N GLU A 19 -16.08 -8.09 17.95
CA GLU A 19 -15.85 -6.61 18.00
C GLU A 19 -15.26 -6.16 16.66
N PRO A 20 -15.22 -4.84 16.36
CA PRO A 20 -14.58 -4.34 15.15
C PRO A 20 -13.09 -4.71 15.09
N ARG A 21 -12.58 -4.95 13.87
CA ARG A 21 -11.13 -5.17 13.60
C ARG A 21 -10.46 -3.81 13.54
N TYR A 22 -9.47 -3.57 14.40
CA TYR A 22 -8.70 -2.31 14.51
C TYR A 22 -7.24 -2.58 14.13
N MET A 23 -6.58 -1.60 13.51
CA MET A 23 -5.18 -1.74 13.04
C MET A 23 -4.55 -0.38 12.77
N GLU A 24 -3.42 -0.11 13.42
CA GLU A 24 -2.51 1.04 13.12
C GLU A 24 -1.29 0.51 12.37
N VAL A 25 -0.81 1.26 11.38
CA VAL A 25 0.48 0.99 10.67
C VAL A 25 1.25 2.31 10.59
N GLY A 26 2.45 2.34 11.18
CA GLY A 26 3.35 3.51 11.14
C GLY A 26 4.25 3.43 9.92
N TYR A 27 4.57 4.58 9.31
CA TYR A 27 5.46 4.70 8.13
C TYR A 27 6.47 5.83 8.35
N VAL A 28 7.75 5.55 8.09
CA VAL A 28 8.85 6.56 8.04
C VAL A 28 9.37 6.62 6.60
N ASP A 29 9.11 7.74 5.91
CA ASP A 29 9.46 7.97 4.47
C ASP A 29 8.81 6.86 3.63
N ASP A 30 7.53 6.56 3.89
CA ASP A 30 6.67 5.63 3.11
C ASP A 30 7.13 4.18 3.28
N THR A 31 7.92 3.88 4.33
CA THR A 31 8.35 2.50 4.67
C THR A 31 7.73 2.12 6.02
N GLU A 32 6.96 1.04 6.05
CA GLU A 32 6.35 0.45 7.27
C GLU A 32 7.45 0.13 8.28
N PHE A 33 7.27 0.52 9.54
CA PHE A 33 8.27 0.34 10.64
C PHE A 33 7.60 -0.10 11.95
N VAL A 34 6.31 0.19 12.15
CA VAL A 34 5.51 -0.36 13.29
C VAL A 34 4.09 -0.68 12.81
N ARG A 35 3.43 -1.59 13.52
CA ARG A 35 2.04 -2.05 13.19
C ARG A 35 1.41 -2.65 14.45
N PHE A 36 0.20 -2.20 14.79
CA PHE A 36 -0.67 -2.78 15.85
C PHE A 36 -1.86 -3.43 15.17
N ASP A 37 -2.18 -4.68 15.53
CA ASP A 37 -3.25 -5.49 14.91
C ASP A 37 -4.12 -6.11 16.01
N SER A 38 -5.35 -5.61 16.17
CA SER A 38 -6.31 -6.03 17.23
C SER A 38 -6.49 -7.55 17.20
N ASP A 39 -6.71 -8.13 16.01
CA ASP A 39 -6.82 -9.59 15.80
C ASP A 39 -5.44 -10.22 15.91
N ALA A 40 -5.16 -10.87 17.04
CA ALA A 40 -3.89 -11.58 17.35
C ALA A 40 -3.99 -12.16 18.77
N GLU A 41 -3.37 -13.32 18.99
CA GLU A 41 -3.31 -14.01 20.31
C GLU A 41 -3.23 -12.94 21.41
N ASN A 42 -2.19 -12.09 21.33
CA ASN A 42 -1.87 -11.02 22.31
C ASN A 42 -1.55 -9.74 21.54
N PRO A 43 -2.51 -8.82 21.34
CA PRO A 43 -2.28 -7.62 20.52
C PRO A 43 -1.27 -6.65 21.15
N ARG A 44 -0.17 -6.40 20.43
CA ARG A 44 0.94 -5.50 20.84
C ARG A 44 1.42 -4.71 19.62
N TYR A 45 1.85 -3.45 19.82
CA TYR A 45 2.64 -2.70 18.81
C TYR A 45 3.95 -3.45 18.59
N GLU A 46 4.25 -3.81 17.34
CA GLU A 46 5.41 -4.67 16.98
C GLU A 46 6.26 -3.95 15.94
N PRO A 47 7.61 -4.11 16.01
CA PRO A 47 8.50 -3.53 15.01
C PRO A 47 8.40 -4.27 13.68
N ARG A 48 8.34 -3.52 12.57
CA ARG A 48 8.21 -4.07 11.18
C ARG A 48 9.53 -3.88 10.44
N ALA A 49 10.36 -2.92 10.88
CA ALA A 49 11.77 -2.76 10.45
C ALA A 49 12.67 -3.41 11.52
N ARG A 50 13.82 -3.95 11.12
CA ARG A 50 14.78 -4.58 12.06
C ARG A 50 15.39 -3.50 12.97
N TRP A 51 15.55 -2.28 12.46
CA TRP A 51 16.22 -1.15 13.18
C TRP A 51 15.37 -0.61 14.32
N MET A 52 14.08 -0.96 14.38
CA MET A 52 13.14 -0.53 15.45
C MET A 52 13.25 -1.44 16.68
N GLU A 53 14.09 -2.48 16.63
CA GLU A 53 14.36 -3.38 17.78
C GLU A 53 15.33 -2.69 18.76
N GLN A 54 15.94 -1.57 18.38
CA GLN A 54 16.74 -0.69 19.28
C GLN A 54 15.86 -0.23 20.46
N GLU A 55 14.61 0.12 20.20
CA GLU A 55 13.63 0.65 21.19
C GLU A 55 13.36 -0.44 22.23
N GLY A 56 13.29 -0.05 23.51
CA GLY A 56 13.17 -0.96 24.65
C GLY A 56 11.71 -1.29 24.98
N PRO A 57 11.44 -2.10 26.03
CA PRO A 57 10.08 -2.45 26.41
C PRO A 57 9.19 -1.25 26.82
N GLU A 58 9.81 -0.14 27.26
CA GLU A 58 9.07 1.09 27.69
C GLU A 58 8.34 1.69 26.48
N TYR A 59 8.98 1.70 25.31
CA TYR A 59 8.43 2.23 24.04
C TYR A 59 7.19 1.42 23.65
N TRP A 60 7.34 0.10 23.56
CA TRP A 60 6.33 -0.85 23.04
C TRP A 60 5.09 -0.86 23.95
N GLU A 61 5.30 -0.92 25.27
CA GLU A 61 4.20 -1.00 26.27
C GLU A 61 3.36 0.27 26.18
N ARG A 62 4.00 1.45 26.05
CA ARG A 62 3.32 2.77 25.98
C ARG A 62 2.54 2.87 24.66
N GLU A 63 3.15 2.47 23.54
CA GLU A 63 2.52 2.52 22.20
C GLU A 63 1.32 1.58 22.17
N THR A 64 1.48 0.35 22.69
CA THR A 64 0.38 -0.66 22.82
C THR A 64 -0.80 -0.03 23.56
N GLN A 65 -0.53 0.56 24.74
CA GLN A 65 -1.54 1.25 25.58
C GLN A 65 -2.27 2.31 24.76
N LYS A 66 -1.53 3.17 24.05
CA LYS A 66 -2.10 4.21 23.15
C LYS A 66 -3.09 3.54 22.18
N ALA A 67 -2.63 2.49 21.49
CA ALA A 67 -3.42 1.74 20.48
C ALA A 67 -4.69 1.19 21.12
N LYS A 68 -4.56 0.46 22.25
CA LYS A 68 -5.71 -0.20 22.91
C LYS A 68 -6.78 0.86 23.20
N GLY A 69 -6.35 2.07 23.60
CA GLY A 69 -7.22 3.21 23.91
C GLY A 69 -7.87 3.76 22.67
N ASN A 70 -7.11 3.92 21.60
CA ASN A 70 -7.60 4.40 20.29
C ASN A 70 -8.66 3.41 19.78
N GLU A 71 -8.34 2.11 19.75
CA GLU A 71 -9.25 1.02 19.35
C GLU A 71 -10.64 1.24 19.98
N GLN A 72 -10.67 1.46 21.31
CA GLN A 72 -11.92 1.62 22.10
C GLN A 72 -12.62 2.93 21.71
N SER A 73 -11.84 3.96 21.37
CA SER A 73 -12.35 5.30 20.96
C SER A 73 -13.00 5.19 19.57
N PHE A 74 -12.33 4.52 18.62
CA PHE A 74 -12.82 4.28 17.24
C PHE A 74 -14.04 3.36 17.27
N ARG A 75 -14.03 2.35 18.17
CA ARG A 75 -15.16 1.42 18.39
C ARG A 75 -16.44 2.23 18.64
N VAL A 76 -16.34 3.36 19.35
CA VAL A 76 -17.48 4.30 19.59
C VAL A 76 -17.80 5.03 18.28
N ASP A 77 -16.80 5.72 17.72
CA ASP A 77 -16.93 6.53 16.47
C ASP A 77 -17.80 5.77 15.45
N LEU A 78 -17.49 4.49 15.23
CA LEU A 78 -18.26 3.61 14.31
C LEU A 78 -19.75 3.62 14.70
N ARG A 79 -20.03 3.44 16.00
CA ARG A 79 -21.42 3.45 16.55
C ARG A 79 -22.01 4.87 16.44
N THR A 80 -21.25 5.88 16.88
CA THR A 80 -21.64 7.31 16.86
C THR A 80 -22.13 7.68 15.44
N LEU A 81 -21.37 7.30 14.42
CA LEU A 81 -21.58 7.70 13.00
C LEU A 81 -22.84 7.01 12.45
N LEU A 82 -23.13 5.78 12.88
CA LEU A 82 -24.39 5.05 12.54
C LEU A 82 -25.60 5.94 12.89
N GLY A 83 -25.50 6.69 14.00
CA GLY A 83 -26.53 7.64 14.45
C GLY A 83 -26.63 8.84 13.52
N TYR A 84 -25.50 9.50 13.24
CA TYR A 84 -25.42 10.75 12.44
C TYR A 84 -26.03 10.54 11.05
N TYR A 85 -25.86 9.33 10.48
CA TYR A 85 -26.24 8.99 9.08
C TYR A 85 -27.49 8.09 9.05
N ASN A 86 -28.19 7.96 10.19
CA ASN A 86 -29.41 7.11 10.34
C ASN A 86 -29.21 5.79 9.59
N GLN A 87 -28.16 5.03 9.95
CA GLN A 87 -27.78 3.75 9.32
C GLN A 87 -28.22 2.58 10.21
N SER A 88 -28.15 1.35 9.69
CA SER A 88 -28.58 0.09 10.36
C SER A 88 -27.40 -0.55 11.10
N LYS A 89 -27.67 -1.16 12.26
CA LYS A 89 -26.66 -1.80 13.15
C LYS A 89 -26.11 -3.06 12.49
N GLY A 90 -26.92 -3.74 11.68
CA GLY A 90 -26.53 -4.96 10.93
C GLY A 90 -25.40 -4.69 9.95
N GLY A 91 -25.36 -3.49 9.35
CA GLY A 91 -24.40 -3.10 8.30
C GLY A 91 -22.98 -2.95 8.85
N SER A 92 -21.98 -3.39 8.06
CA SER A 92 -20.54 -3.24 8.36
C SER A 92 -19.98 -1.98 7.69
N HIS A 93 -19.21 -1.18 8.43
CA HIS A 93 -18.69 0.14 7.99
C HIS A 93 -17.21 0.29 8.40
N THR A 94 -16.53 1.27 7.81
CA THR A 94 -15.04 1.42 7.87
C THR A 94 -14.67 2.88 8.17
N ILE A 95 -14.02 3.12 9.31
CA ILE A 95 -13.33 4.42 9.61
C ILE A 95 -11.84 4.25 9.31
N GLN A 96 -11.27 5.20 8.55
CA GLN A 96 -9.83 5.28 8.22
C GLN A 96 -9.30 6.64 8.66
N VAL A 97 -8.02 6.69 9.09
CA VAL A 97 -7.35 7.94 9.53
C VAL A 97 -5.89 7.92 9.04
N ILE A 98 -5.45 9.03 8.43
CA ILE A 98 -4.02 9.31 8.12
C ILE A 98 -3.60 10.51 8.98
N SER A 99 -2.85 10.23 10.06
CA SER A 99 -2.15 11.22 10.91
C SER A 99 -0.68 11.28 10.48
N GLY A 100 -0.06 12.45 10.53
CA GLY A 100 1.39 12.55 10.25
C GLY A 100 1.88 13.98 10.09
N CYS A 101 3.18 14.14 10.31
CA CYS A 101 3.99 15.36 10.03
C CYS A 101 5.03 15.01 8.96
N GLU A 102 5.52 16.01 8.23
CA GLU A 102 6.70 15.87 7.34
C GLU A 102 7.64 17.06 7.57
N VAL A 103 8.95 16.80 7.62
CA VAL A 103 10.01 17.79 7.96
C VAL A 103 11.07 17.80 6.85
N GLY A 104 11.65 18.98 6.57
CA GLY A 104 12.76 19.15 5.63
C GLY A 104 14.05 18.52 6.15
N SER A 105 15.16 18.75 5.46
CA SER A 105 16.53 18.32 5.88
C SER A 105 16.94 19.11 7.13
N ASP A 106 16.42 20.33 7.30
CA ASP A 106 16.69 21.24 8.44
C ASP A 106 16.06 20.70 9.73
N GLY A 107 15.14 19.73 9.63
CA GLY A 107 14.46 19.11 10.79
C GLY A 107 13.22 19.89 11.18
N ARG A 108 12.84 20.89 10.38
CA ARG A 108 11.74 21.84 10.65
C ARG A 108 10.43 21.29 10.08
N LEU A 109 9.32 21.46 10.78
CA LEU A 109 7.97 21.05 10.31
C LEU A 109 7.66 21.78 9.00
N LEU A 110 7.42 21.05 7.91
CA LEU A 110 6.93 21.57 6.62
C LEU A 110 5.40 21.58 6.61
N ARG A 111 4.79 20.46 6.99
CA ARG A 111 3.32 20.27 6.97
C ARG A 111 2.92 19.17 7.99
N GLY A 112 1.75 19.35 8.62
CA GLY A 112 1.08 18.34 9.45
C GLY A 112 -0.37 18.17 9.02
N TYR A 113 -0.96 17.00 9.28
CA TYR A 113 -2.35 16.67 8.85
C TYR A 113 -2.94 15.57 9.73
N GLN A 114 -4.27 15.57 9.83
CA GLN A 114 -5.11 14.49 10.38
C GLN A 114 -6.33 14.36 9.47
N GLN A 115 -6.39 13.31 8.65
CA GLN A 115 -7.52 13.04 7.72
C GLN A 115 -8.33 11.86 8.25
N TYR A 116 -9.64 12.04 8.39
CA TYR A 116 -10.64 10.97 8.63
C TYR A 116 -11.36 10.65 7.31
N ALA A 117 -11.81 9.41 7.18
CA ALA A 117 -12.71 8.94 6.09
C ALA A 117 -13.63 7.86 6.65
N TYR A 118 -14.93 7.97 6.38
CA TYR A 118 -15.96 6.97 6.73
C TYR A 118 -16.48 6.31 5.44
N ASP A 119 -16.32 4.99 5.33
CA ASP A 119 -16.74 4.17 4.16
C ASP A 119 -16.15 4.77 2.88
N GLY A 120 -14.86 5.13 2.87
CA GLY A 120 -14.14 5.58 1.67
C GLY A 120 -14.26 7.08 1.43
N CYS A 121 -15.42 7.67 1.74
CA CYS A 121 -15.71 9.13 1.62
C CYS A 121 -14.88 9.93 2.63
N ASP A 122 -14.41 11.12 2.26
CA ASP A 122 -13.75 12.10 3.17
C ASP A 122 -14.79 12.56 4.20
N TYR A 123 -14.42 12.55 5.49
CA TYR A 123 -15.31 12.93 6.62
C TYR A 123 -14.92 14.30 7.16
N ILE A 124 -13.75 14.40 7.81
CA ILE A 124 -13.25 15.65 8.46
C ILE A 124 -11.72 15.64 8.45
N ALA A 125 -11.10 16.82 8.34
CA ALA A 125 -9.64 16.97 8.14
C ALA A 125 -9.13 18.24 8.84
N LEU A 126 -7.95 18.16 9.45
CA LEU A 126 -7.25 19.30 10.08
C LEU A 126 -6.56 20.11 8.98
N ASN A 127 -6.80 21.41 8.93
CA ASN A 127 -6.32 22.32 7.85
C ASN A 127 -4.80 22.48 7.94
N GLU A 128 -4.21 23.15 6.95
CA GLU A 128 -2.76 23.48 6.87
C GLU A 128 -2.34 24.23 8.14
N ASP A 129 -3.17 25.15 8.62
CA ASP A 129 -2.87 26.09 9.75
C ASP A 129 -2.89 25.37 11.10
N LEU A 130 -3.41 24.13 11.16
CA LEU A 130 -3.48 23.27 12.37
C LEU A 130 -4.35 23.93 13.46
N LYS A 131 -5.30 24.77 13.06
CA LYS A 131 -6.19 25.54 13.99
C LYS A 131 -7.65 25.15 13.75
N THR A 132 -8.11 25.32 12.50
CA THR A 132 -9.52 25.10 12.08
C THR A 132 -9.72 23.65 11.66
N TRP A 133 -10.96 23.25 11.35
CA TRP A 133 -11.32 21.94 10.77
C TRP A 133 -12.00 22.16 9.41
N THR A 134 -12.10 21.10 8.60
CA THR A 134 -12.82 21.07 7.30
C THR A 134 -13.77 19.85 7.28
N ALA A 135 -15.07 20.10 7.47
CA ALA A 135 -16.15 19.10 7.47
C ALA A 135 -16.65 18.89 6.04
N ALA A 136 -16.55 17.64 5.53
CA ALA A 136 -16.88 17.25 4.14
C ALA A 136 -18.39 17.30 3.92
N ASP A 137 -19.20 17.05 4.95
CA ASP A 137 -20.69 16.97 4.85
C ASP A 137 -21.31 17.50 6.16
N MET A 138 -22.62 17.29 6.34
CA MET A 138 -23.42 17.85 7.47
C MET A 138 -23.13 17.06 8.75
N ALA A 139 -22.96 15.73 8.65
CA ALA A 139 -22.63 14.84 9.79
C ALA A 139 -21.29 15.25 10.41
N ALA A 140 -20.33 15.65 9.58
CA ALA A 140 -18.96 16.05 9.99
C ALA A 140 -18.99 17.39 10.74
N LEU A 141 -19.99 18.25 10.47
CA LEU A 141 -20.13 19.58 11.13
C LEU A 141 -20.45 19.40 12.62
N ILE A 142 -21.12 18.30 13.00
CA ILE A 142 -21.50 17.97 14.41
C ILE A 142 -20.23 17.83 15.24
N THR A 143 -19.18 17.21 14.67
CA THR A 143 -17.93 16.81 15.37
C THR A 143 -16.88 17.90 15.20
N LYS A 144 -16.98 18.70 14.14
CA LYS A 144 -16.21 19.97 13.98
C LYS A 144 -16.56 20.87 15.18
N HIS A 145 -17.82 21.26 15.30
CA HIS A 145 -18.36 22.14 16.38
C HIS A 145 -17.94 21.58 17.74
N LYS A 146 -17.97 20.25 17.89
CA LYS A 146 -17.63 19.52 19.15
C LYS A 146 -16.14 19.64 19.44
N TRP A 147 -15.28 19.32 18.47
CA TRP A 147 -13.80 19.29 18.64
C TRP A 147 -13.25 20.73 18.75
N GLU A 148 -13.90 21.69 18.09
CA GLU A 148 -13.61 23.14 18.23
C GLU A 148 -13.74 23.52 19.71
N GLN A 149 -14.94 23.37 20.28
CA GLN A 149 -15.27 23.76 21.68
C GLN A 149 -14.96 22.59 22.63
N ALA A 150 -13.88 21.86 22.36
CA ALA A 150 -13.23 20.87 23.27
C ALA A 150 -11.70 21.02 23.22
N GLY A 151 -11.17 21.85 22.32
CA GLY A 151 -9.73 22.18 22.22
C GLY A 151 -8.90 21.03 21.68
N GLU A 152 -9.33 20.42 20.57
CA GLU A 152 -8.64 19.28 19.92
C GLU A 152 -7.58 19.80 18.94
N ALA A 153 -7.83 20.95 18.31
CA ALA A 153 -6.88 21.66 17.42
C ALA A 153 -5.57 21.93 18.17
N GLU A 154 -5.67 22.41 19.42
CA GLU A 154 -4.51 22.71 20.31
C GLU A 154 -3.74 21.41 20.60
N ARG A 155 -4.47 20.35 20.95
CA ARG A 155 -3.92 19.05 21.42
C ARG A 155 -3.18 18.35 20.27
N LEU A 156 -3.77 18.35 19.07
CA LEU A 156 -3.19 17.71 17.85
C LEU A 156 -1.95 18.48 17.42
N ARG A 157 -2.04 19.82 17.36
CA ARG A 157 -0.93 20.72 16.95
C ARG A 157 0.29 20.44 17.83
N ALA A 158 0.07 20.23 19.14
CA ALA A 158 1.12 19.92 20.14
C ALA A 158 1.83 18.60 19.79
N TYR A 159 1.09 17.63 19.26
CA TYR A 159 1.62 16.31 18.80
C TYR A 159 2.34 16.49 17.46
N LEU A 160 1.67 17.12 16.50
CA LEU A 160 2.14 17.28 15.09
C LEU A 160 3.38 18.18 15.04
N GLU A 161 3.34 19.34 15.70
CA GLU A 161 4.50 20.28 15.78
C GLU A 161 5.57 19.69 16.69
N GLY A 162 5.18 19.20 17.88
CA GLY A 162 6.08 18.74 18.95
C GLY A 162 6.48 17.29 18.79
N THR A 163 5.63 16.37 19.26
CA THR A 163 5.92 14.92 19.45
C THR A 163 6.33 14.27 18.11
N CYS A 164 5.47 14.37 17.10
CA CYS A 164 5.64 13.77 15.75
C CYS A 164 7.03 14.13 15.20
N VAL A 165 7.38 15.42 15.24
CA VAL A 165 8.64 15.99 14.67
C VAL A 165 9.84 15.42 15.44
N GLU A 166 9.85 15.58 16.76
CA GLU A 166 10.95 15.13 17.65
C GLU A 166 11.24 13.65 17.40
N TRP A 167 10.20 12.83 17.22
CA TRP A 167 10.30 11.35 17.13
C TRP A 167 10.73 10.92 15.72
N LEU A 168 10.27 11.63 14.69
CA LEU A 168 10.72 11.43 13.29
C LEU A 168 12.25 11.50 13.24
N ARG A 169 12.84 12.59 13.74
CA ARG A 169 14.31 12.82 13.79
C ARG A 169 14.99 11.60 14.40
N ARG A 170 14.49 11.12 15.54
CA ARG A 170 15.03 9.91 16.25
C ARG A 170 14.97 8.71 15.30
N TYR A 171 13.82 8.47 14.67
CA TYR A 171 13.59 7.29 13.78
C TYR A 171 14.51 7.37 12.56
N LEU A 172 14.83 8.58 12.09
CA LEU A 172 15.69 8.80 10.89
C LEU A 172 17.15 8.48 11.24
N LYS A 173 17.62 8.89 12.42
CA LYS A 173 18.98 8.56 12.93
C LYS A 173 19.15 7.04 13.03
N ASN A 174 18.14 6.34 13.57
CA ASN A 174 18.17 4.89 13.88
C ASN A 174 18.12 4.05 12.60
N GLY A 175 17.28 4.45 11.64
CA GLY A 175 16.97 3.66 10.43
C GLY A 175 17.68 4.15 9.19
N ASN A 176 18.52 5.19 9.30
CA ASN A 176 19.22 5.84 8.16
C ASN A 176 19.90 4.76 7.30
N ALA A 177 20.72 3.91 7.94
CA ALA A 177 21.48 2.81 7.33
C ALA A 177 20.60 2.07 6.31
N THR A 178 19.42 1.63 6.73
CA THR A 178 18.52 0.74 5.96
C THR A 178 17.50 1.56 5.14
N LEU A 179 17.22 2.81 5.52
CA LEU A 179 16.30 3.69 4.76
C LEU A 179 16.99 4.18 3.48
N LEU A 180 18.31 4.42 3.53
CA LEU A 180 19.11 4.88 2.36
C LEU A 180 19.35 3.72 1.38
N ARG A 181 19.00 2.48 1.75
CA ARG A 181 19.13 1.29 0.86
C ARG A 181 18.43 1.56 -0.47
N THR A 182 19.13 1.35 -1.58
CA THR A 182 18.57 1.28 -2.95
C THR A 182 19.24 0.12 -3.70
N ASP A 183 18.44 -0.80 -4.23
CA ASP A 183 18.88 -1.86 -5.19
C ASP A 183 18.49 -1.39 -6.60
N SER A 184 19.48 -1.20 -7.49
CA SER A 184 19.26 -0.72 -8.88
C SER A 184 18.69 -1.87 -9.71
N PRO A 185 17.78 -1.58 -10.67
CA PRO A 185 17.08 -2.63 -11.40
C PRO A 185 18.02 -3.47 -12.28
N LYS A 186 17.81 -4.79 -12.29
CA LYS A 186 18.33 -5.72 -13.32
C LYS A 186 17.27 -5.82 -14.42
N ALA A 187 17.65 -5.55 -15.67
CA ALA A 187 16.72 -5.30 -16.80
C ALA A 187 17.18 -6.07 -18.05
N HIS A 188 16.26 -6.87 -18.63
CA HIS A 188 16.45 -7.59 -19.92
C HIS A 188 15.27 -7.27 -20.84
N VAL A 189 15.35 -7.71 -22.11
CA VAL A 189 14.28 -7.56 -23.13
C VAL A 189 13.94 -8.95 -23.68
N THR A 190 12.65 -9.29 -23.75
CA THR A 190 12.14 -10.58 -24.29
C THR A 190 11.42 -10.34 -25.62
N HIS A 191 11.72 -11.17 -26.62
CA HIS A 191 11.09 -11.17 -27.97
C HIS A 191 9.86 -12.07 -27.93
N HIS A 192 8.69 -11.57 -28.36
CA HIS A 192 7.42 -12.32 -28.46
C HIS A 192 6.84 -12.15 -29.87
N SER A 193 6.98 -13.16 -30.73
CA SER A 193 6.50 -13.19 -32.14
C SER A 193 4.97 -13.17 -32.15
N ARG A 194 4.37 -12.34 -33.01
CA ARG A 194 2.90 -12.21 -33.19
C ARG A 194 2.49 -12.91 -34.49
N PRO A 195 1.19 -13.21 -34.69
CA PRO A 195 0.71 -13.89 -35.89
C PRO A 195 1.14 -13.23 -37.22
N GLU A 196 0.90 -11.92 -37.33
CA GLU A 196 1.21 -11.08 -38.53
C GLU A 196 2.72 -10.83 -38.57
N ASP A 197 3.17 -9.80 -39.30
CA ASP A 197 4.60 -9.35 -39.31
C ASP A 197 4.98 -8.90 -37.90
N LYS A 198 4.12 -8.09 -37.26
CA LYS A 198 4.34 -7.43 -35.94
C LYS A 198 4.94 -8.41 -34.93
N VAL A 199 5.78 -7.91 -34.02
CA VAL A 199 6.30 -8.65 -32.81
C VAL A 199 6.22 -7.72 -31.60
N THR A 200 6.24 -8.28 -30.39
CA THR A 200 6.15 -7.55 -29.10
C THR A 200 7.47 -7.67 -28.34
N LEU A 201 8.26 -6.58 -28.32
CA LEU A 201 9.45 -6.40 -27.43
C LEU A 201 8.95 -5.98 -26.05
N ARG A 202 9.32 -6.74 -25.01
CA ARG A 202 8.94 -6.44 -23.59
C ARG A 202 10.22 -6.15 -22.80
N CYS A 203 10.34 -4.91 -22.30
CA CYS A 203 11.46 -4.44 -21.44
C CYS A 203 11.14 -4.79 -19.98
N TRP A 204 11.94 -5.69 -19.39
CA TRP A 204 11.79 -6.15 -17.98
C TRP A 204 12.68 -5.32 -17.07
N ALA A 205 12.29 -5.18 -15.80
CA ALA A 205 13.05 -4.50 -14.72
C ALA A 205 12.74 -5.21 -13.39
N LEU A 206 13.76 -5.83 -12.79
CA LEU A 206 13.63 -6.79 -11.65
C LEU A 206 14.59 -6.39 -10.52
N GLY A 207 14.23 -6.71 -9.28
CA GLY A 207 15.12 -6.70 -8.10
C GLY A 207 15.44 -5.31 -7.60
N PHE A 208 14.67 -4.29 -8.00
CA PHE A 208 14.93 -2.86 -7.66
C PHE A 208 14.14 -2.47 -6.42
N TYR A 209 14.73 -1.58 -5.61
CA TYR A 209 14.11 -0.91 -4.43
C TYR A 209 14.67 0.50 -4.32
N PRO A 210 13.87 1.56 -4.04
CA PRO A 210 12.42 1.43 -3.86
C PRO A 210 11.64 1.28 -5.17
N ALA A 211 10.31 1.27 -5.09
CA ALA A 211 9.37 0.99 -6.21
C ALA A 211 9.47 2.08 -7.28
N ASP A 212 9.83 3.30 -6.90
CA ASP A 212 9.83 4.49 -7.79
C ASP A 212 10.80 4.23 -8.95
N ILE A 213 10.25 4.08 -10.17
CA ILE A 213 11.01 3.73 -11.42
C ILE A 213 10.26 4.31 -12.62
N THR A 214 10.93 4.43 -13.77
CA THR A 214 10.33 4.85 -15.06
C THR A 214 10.94 4.02 -16.20
N LEU A 215 10.08 3.42 -17.04
CA LEU A 215 10.45 2.65 -18.26
C LEU A 215 9.87 3.35 -19.48
N THR A 216 10.70 3.58 -20.51
CA THR A 216 10.33 4.28 -21.77
C THR A 216 10.89 3.51 -22.98
N TRP A 217 10.23 3.64 -24.13
CA TRP A 217 10.58 3.03 -25.43
C TRP A 217 10.81 4.13 -26.47
N GLN A 218 12.02 4.19 -27.05
CA GLN A 218 12.45 5.27 -27.98
C GLN A 218 12.69 4.70 -29.39
N LEU A 219 12.31 5.49 -30.41
CA LEU A 219 12.62 5.26 -31.85
C LEU A 219 12.99 6.61 -32.48
N ASN A 220 14.25 6.75 -32.92
CA ASN A 220 14.85 8.04 -33.37
C ASN A 220 14.89 9.00 -32.17
N GLY A 221 15.37 8.53 -31.02
CA GLY A 221 15.45 9.29 -29.75
C GLY A 221 14.14 10.01 -29.45
N GLU A 222 13.01 9.37 -29.74
CA GLU A 222 11.63 9.93 -29.58
C GLU A 222 10.79 8.89 -28.83
N GLU A 223 10.24 9.27 -27.67
CA GLU A 223 9.50 8.35 -26.76
C GLU A 223 8.07 8.14 -27.29
N LEU A 224 7.67 6.88 -27.47
CA LEU A 224 6.30 6.47 -27.86
C LEU A 224 5.63 5.79 -26.66
N ILE A 225 4.71 6.48 -25.99
CA ILE A 225 3.93 5.95 -24.82
C ILE A 225 2.49 5.64 -25.26
N GLN A 226 2.00 6.25 -26.33
CA GLN A 226 0.60 6.07 -26.83
C GLN A 226 0.41 4.63 -27.32
N ASP A 227 1.37 4.10 -28.10
CA ASP A 227 1.34 2.71 -28.64
C ASP A 227 2.21 1.79 -27.78
N MET A 228 2.39 2.14 -26.51
CA MET A 228 3.14 1.36 -25.48
C MET A 228 2.15 0.70 -24.52
N GLU A 229 2.59 -0.34 -23.82
CA GLU A 229 1.80 -1.07 -22.79
C GLU A 229 2.72 -1.38 -21.60
N LEU A 230 2.33 -0.95 -20.39
CA LEU A 230 3.15 -1.12 -19.15
C LEU A 230 2.23 -1.38 -17.95
N VAL A 231 2.69 -2.22 -17.01
CA VAL A 231 1.92 -2.71 -15.83
C VAL A 231 2.35 -1.93 -14.59
N GLU A 232 1.47 -1.78 -13.60
CA GLU A 232 1.74 -1.06 -12.33
C GLU A 232 2.90 -1.74 -11.62
N THR A 233 3.81 -0.95 -11.03
CA THR A 233 5.01 -1.45 -10.30
C THR A 233 4.54 -2.36 -9.16
N ARG A 234 4.92 -3.64 -9.21
CA ARG A 234 4.40 -4.70 -8.30
C ARG A 234 5.52 -5.24 -7.43
N PRO A 235 5.22 -5.68 -6.18
CA PRO A 235 6.23 -6.24 -5.30
C PRO A 235 6.63 -7.66 -5.70
N ALA A 236 7.94 -7.97 -5.71
CA ALA A 236 8.49 -9.33 -5.88
C ALA A 236 8.07 -10.19 -4.69
N GLY A 237 8.00 -9.58 -3.50
CA GLY A 237 7.57 -10.23 -2.24
C GLY A 237 8.76 -10.58 -1.34
N ASP A 238 9.98 -10.35 -1.82
CA ASP A 238 11.25 -10.55 -1.05
C ASP A 238 11.80 -9.18 -0.63
N GLY A 239 11.04 -8.11 -0.83
CA GLY A 239 11.41 -6.72 -0.48
C GLY A 239 11.76 -5.89 -1.70
N THR A 240 11.94 -6.53 -2.86
CA THR A 240 12.24 -5.86 -4.16
C THR A 240 10.95 -5.67 -4.95
N PHE A 241 11.03 -5.02 -6.11
CA PHE A 241 9.87 -4.68 -6.98
C PHE A 241 10.16 -5.06 -8.44
N GLN A 242 9.08 -5.22 -9.22
CA GLN A 242 9.10 -5.57 -10.67
C GLN A 242 8.24 -4.56 -11.43
N LYS A 243 8.55 -4.36 -12.71
CA LYS A 243 7.76 -3.57 -13.68
C LYS A 243 8.30 -3.85 -15.07
N TRP A 244 7.42 -4.06 -16.05
CA TRP A 244 7.81 -4.20 -17.48
C TRP A 244 6.99 -3.22 -18.33
N ALA A 245 7.60 -2.76 -19.43
CA ALA A 245 6.96 -2.03 -20.55
C ALA A 245 7.16 -2.86 -21.81
N SER A 246 6.19 -2.83 -22.73
CA SER A 246 6.23 -3.59 -24.02
C SER A 246 5.61 -2.74 -25.14
N VAL A 247 6.24 -2.76 -26.31
CA VAL A 247 5.79 -2.06 -27.55
C VAL A 247 5.73 -3.10 -28.69
N VAL A 248 4.76 -2.94 -29.61
CA VAL A 248 4.57 -3.81 -30.80
C VAL A 248 5.27 -3.15 -32.00
N VAL A 249 6.22 -3.85 -32.63
CA VAL A 249 7.19 -3.27 -33.61
C VAL A 249 7.20 -4.12 -34.88
N PRO A 250 7.37 -3.50 -36.07
CA PRO A 250 7.59 -4.25 -37.32
C PRO A 250 8.75 -5.26 -37.23
N LEU A 251 8.53 -6.47 -37.72
CA LEU A 251 9.48 -7.62 -37.69
C LEU A 251 10.73 -7.28 -38.51
N GLY A 252 11.91 -7.43 -37.91
CA GLY A 252 13.22 -7.16 -38.53
C GLY A 252 13.76 -5.78 -38.17
N LYS A 253 12.96 -4.94 -37.49
CA LYS A 253 13.32 -3.57 -37.07
C LYS A 253 13.51 -3.51 -35.55
N GLU A 254 13.86 -4.65 -34.92
CA GLU A 254 13.96 -4.79 -33.45
C GLU A 254 15.13 -3.98 -32.89
N GLN A 255 16.10 -3.60 -33.74
CA GLN A 255 17.38 -2.95 -33.33
C GLN A 255 17.22 -1.42 -33.33
N TYR A 256 16.20 -0.88 -33.98
CA TYR A 256 15.89 0.58 -34.03
C TYR A 256 15.12 1.00 -32.78
N TYR A 257 14.55 0.03 -32.04
CA TYR A 257 13.75 0.24 -30.80
C TYR A 257 14.63 0.02 -29.57
N THR A 258 14.71 1.04 -28.71
CA THR A 258 15.57 1.10 -27.51
C THR A 258 14.71 1.39 -26.27
N CYS A 259 14.95 0.65 -25.18
CA CYS A 259 14.29 0.82 -23.85
C CYS A 259 15.26 1.51 -22.89
N HIS A 260 14.75 2.48 -22.12
CA HIS A 260 15.55 3.29 -21.15
C HIS A 260 14.93 3.18 -19.76
N VAL A 261 15.75 2.84 -18.76
CA VAL A 261 15.34 2.57 -17.34
C VAL A 261 15.87 3.68 -16.44
N TYR A 262 14.97 4.39 -15.74
CA TYR A 262 15.26 5.50 -14.81
C TYR A 262 15.01 5.04 -13.36
N HIS A 263 16.07 4.97 -12.55
CA HIS A 263 16.02 4.60 -11.12
C HIS A 263 17.13 5.34 -10.36
N GLN A 264 16.82 5.82 -9.16
CA GLN A 264 17.75 6.58 -8.26
C GLN A 264 18.98 5.72 -7.95
N GLY A 265 18.82 4.39 -7.90
CA GLY A 265 19.90 3.41 -7.66
C GLY A 265 20.95 3.40 -8.75
N LEU A 266 20.58 3.76 -9.98
CA LEU A 266 21.48 3.79 -11.17
C LEU A 266 22.26 5.12 -11.18
N PRO A 267 23.60 5.09 -11.40
CA PRO A 267 24.37 6.33 -11.49
C PRO A 267 23.92 7.20 -12.68
N GLU A 268 23.40 6.56 -13.74
CA GLU A 268 22.72 7.23 -14.88
C GLU A 268 21.72 6.24 -15.49
N PRO A 269 20.72 6.70 -16.26
CA PRO A 269 19.72 5.81 -16.86
C PRO A 269 20.35 4.67 -17.68
N LEU A 270 19.62 3.55 -17.79
CA LEU A 270 20.11 2.29 -18.39
C LEU A 270 19.43 2.08 -19.76
N THR A 271 20.24 1.86 -20.80
CA THR A 271 19.80 1.69 -22.22
C THR A 271 19.80 0.19 -22.58
N LEU A 272 18.83 -0.26 -23.38
CA LEU A 272 18.59 -1.69 -23.71
C LEU A 272 18.14 -1.86 -25.16
N ARG A 273 18.65 -2.90 -25.85
CA ARG A 273 18.20 -3.37 -27.17
C ARG A 273 17.94 -4.89 -27.09
N TRP A 274 17.18 -5.44 -28.03
CA TRP A 274 16.94 -6.91 -28.16
C TRP A 274 18.26 -7.60 -28.52
N GLU A 275 18.84 -8.35 -27.56
CA GLU A 275 20.09 -9.12 -27.71
C GLU A 275 19.78 -10.62 -27.56
N ILE B 2 -17.14 5.43 -2.51
CA ILE B 2 -17.14 4.11 -1.80
C ILE B 2 -17.24 3.01 -2.87
N GLN B 3 -16.93 1.77 -2.49
CA GLN B 3 -16.96 0.57 -3.37
C GLN B 3 -16.13 0.80 -4.64
N LYS B 4 -14.80 0.70 -4.50
CA LYS B 4 -13.82 0.69 -5.62
C LYS B 4 -13.52 -0.77 -5.97
N THR B 5 -13.38 -1.08 -7.28
CA THR B 5 -13.19 -2.45 -7.82
C THR B 5 -11.71 -2.82 -7.75
N PRO B 6 -11.36 -4.03 -7.27
CA PRO B 6 -9.96 -4.44 -7.12
C PRO B 6 -9.25 -4.64 -8.46
N GLN B 7 -8.03 -4.11 -8.58
CA GLN B 7 -7.09 -4.37 -9.71
C GLN B 7 -6.16 -5.53 -9.31
N ILE B 8 -6.13 -6.59 -10.10
CA ILE B 8 -5.43 -7.87 -9.80
C ILE B 8 -4.31 -8.09 -10.83
N GLN B 9 -3.09 -8.34 -10.36
CA GLN B 9 -1.95 -8.89 -11.16
C GLN B 9 -1.62 -10.27 -10.62
N VAL B 10 -1.29 -11.23 -11.51
CA VAL B 10 -0.80 -12.58 -11.14
C VAL B 10 0.51 -12.82 -11.88
N TYR B 11 1.59 -13.04 -11.12
CA TYR B 11 2.98 -13.09 -11.65
C TYR B 11 3.86 -13.91 -10.70
N SER B 12 4.97 -14.42 -11.25
CA SER B 12 6.04 -15.13 -10.50
C SER B 12 6.97 -14.09 -9.85
N ARG B 13 7.61 -14.47 -8.74
CA ARG B 13 8.69 -13.67 -8.10
C ARG B 13 9.89 -13.65 -9.04
N HIS B 14 10.43 -14.82 -9.36
CA HIS B 14 11.61 -15.03 -10.25
C HIS B 14 11.12 -15.37 -11.66
N PRO B 15 11.89 -15.04 -12.72
CA PRO B 15 11.57 -15.51 -14.07
C PRO B 15 11.29 -17.02 -14.09
N PRO B 16 10.14 -17.45 -14.65
CA PRO B 16 9.70 -18.85 -14.54
C PRO B 16 10.46 -19.82 -15.45
N GLU B 17 11.22 -20.74 -14.85
CA GLU B 17 11.80 -21.94 -15.50
C GLU B 17 10.97 -23.17 -15.10
N ASN B 18 10.50 -23.95 -16.08
CA ASN B 18 9.70 -25.19 -15.88
C ASN B 18 10.51 -26.17 -15.01
N GLY B 19 9.95 -26.58 -13.87
CA GLY B 19 10.55 -27.59 -12.98
C GLY B 19 11.31 -26.98 -11.82
N LYS B 20 11.68 -25.69 -11.91
CA LYS B 20 12.43 -24.96 -10.84
C LYS B 20 11.43 -24.35 -9.85
N PRO B 21 11.63 -24.51 -8.52
CA PRO B 21 10.72 -23.91 -7.54
C PRO B 21 10.64 -22.39 -7.69
N ASN B 22 9.50 -21.81 -7.33
CA ASN B 22 9.23 -20.35 -7.48
C ASN B 22 8.11 -19.94 -6.51
N ILE B 23 7.82 -18.64 -6.44
CA ILE B 23 6.68 -18.06 -5.66
C ILE B 23 5.73 -17.40 -6.67
N LEU B 24 4.46 -17.79 -6.67
CA LEU B 24 3.38 -17.13 -7.45
C LEU B 24 2.76 -16.02 -6.59
N ASN B 25 2.68 -14.80 -7.13
CA ASN B 25 2.10 -13.61 -6.44
C ASN B 25 0.72 -13.31 -7.03
N CYS B 26 -0.25 -13.00 -6.18
CA CYS B 26 -1.54 -12.35 -6.54
C CYS B 26 -1.63 -11.01 -5.81
N TYR B 27 -1.33 -9.91 -6.52
CA TYR B 27 -1.23 -8.53 -5.97
C TYR B 27 -2.56 -7.80 -6.22
N VAL B 28 -3.40 -7.68 -5.19
CA VAL B 28 -4.77 -7.09 -5.25
C VAL B 28 -4.73 -5.70 -4.63
N THR B 29 -5.21 -4.68 -5.34
CA THR B 29 -5.08 -3.24 -4.98
C THR B 29 -6.37 -2.49 -5.35
N GLN B 30 -6.49 -1.24 -4.89
CA GLN B 30 -7.49 -0.23 -5.34
C GLN B 30 -8.92 -0.66 -4.99
N PHE B 31 -9.12 -1.41 -3.90
CA PHE B 31 -10.44 -1.98 -3.51
C PHE B 31 -10.92 -1.39 -2.16
N HIS B 32 -12.24 -1.30 -2.01
CA HIS B 32 -12.97 -0.73 -0.85
C HIS B 32 -14.42 -1.21 -0.89
N PRO B 33 -15.07 -1.67 0.20
CA PRO B 33 -14.45 -1.83 1.52
C PRO B 33 -13.37 -2.91 1.59
N PRO B 34 -12.68 -3.07 2.74
CA PRO B 34 -11.53 -3.98 2.83
C PRO B 34 -11.85 -5.48 2.90
N HIS B 35 -13.11 -5.86 3.16
CA HIS B 35 -13.55 -7.28 3.18
C HIS B 35 -13.38 -7.86 1.77
N ILE B 36 -12.54 -8.89 1.64
CA ILE B 36 -12.18 -9.51 0.33
C ILE B 36 -11.78 -10.98 0.57
N GLU B 37 -12.17 -11.88 -0.33
CA GLU B 37 -11.67 -13.28 -0.37
C GLU B 37 -10.79 -13.44 -1.61
N ILE B 38 -9.58 -13.99 -1.43
CA ILE B 38 -8.53 -14.14 -2.48
C ILE B 38 -8.03 -15.59 -2.46
N GLN B 39 -8.61 -16.46 -3.27
CA GLN B 39 -8.17 -17.87 -3.48
C GLN B 39 -7.18 -17.91 -4.64
N MET B 40 -6.04 -18.58 -4.43
CA MET B 40 -5.06 -18.89 -5.50
C MET B 40 -5.28 -20.33 -5.97
N LEU B 41 -5.65 -20.50 -7.23
CA LEU B 41 -6.07 -21.80 -7.83
C LEU B 41 -4.90 -22.43 -8.57
N LYS B 42 -4.82 -23.77 -8.59
CA LYS B 42 -3.95 -24.57 -9.48
C LYS B 42 -4.84 -25.57 -10.23
N ASN B 43 -5.06 -25.34 -11.52
CA ASN B 43 -5.99 -26.14 -12.37
C ASN B 43 -7.40 -26.03 -11.76
N GLY B 44 -7.83 -24.78 -11.49
CA GLY B 44 -9.17 -24.44 -10.97
C GLY B 44 -9.43 -25.00 -9.59
N LYS B 45 -8.38 -25.25 -8.80
CA LYS B 45 -8.47 -25.92 -7.47
C LYS B 45 -7.74 -25.06 -6.43
N LYS B 46 -8.37 -24.85 -5.26
CA LYS B 46 -7.79 -24.10 -4.12
C LYS B 46 -6.41 -24.67 -3.77
N ILE B 47 -5.39 -23.82 -3.67
CA ILE B 47 -4.03 -24.18 -3.16
C ILE B 47 -4.05 -24.01 -1.65
N PRO B 48 -3.74 -25.06 -0.85
CA PRO B 48 -3.89 -24.99 0.61
C PRO B 48 -2.98 -23.94 1.29
N LYS B 49 -1.67 -24.04 1.08
CA LYS B 49 -0.65 -23.19 1.76
C LYS B 49 -0.49 -21.87 1.00
N VAL B 50 -1.42 -20.93 1.21
CA VAL B 50 -1.40 -19.57 0.62
C VAL B 50 -1.22 -18.56 1.76
N GLU B 51 -0.09 -17.85 1.77
CA GLU B 51 0.25 -16.82 2.79
C GLU B 51 -0.17 -15.44 2.26
N MET B 52 -0.93 -14.69 3.06
CA MET B 52 -1.38 -13.30 2.78
C MET B 52 -0.51 -12.34 3.59
N SER B 53 -0.09 -11.23 3.00
CA SER B 53 0.50 -10.05 3.70
C SER B 53 -0.57 -9.43 4.60
N ASP B 54 -0.14 -8.65 5.60
CA ASP B 54 -1.06 -7.83 6.44
C ASP B 54 -1.66 -6.75 5.54
N MET B 55 -2.91 -6.36 5.78
CA MET B 55 -3.62 -5.39 4.88
C MET B 55 -3.17 -3.97 5.21
N SER B 56 -2.98 -3.15 4.17
CA SER B 56 -2.61 -1.71 4.24
C SER B 56 -3.59 -0.93 3.35
N PHE B 57 -3.50 0.40 3.34
CA PHE B 57 -4.25 1.27 2.40
C PHE B 57 -3.38 2.46 2.00
N SER B 58 -3.71 3.08 0.87
CA SER B 58 -2.90 4.12 0.19
C SER B 58 -3.47 5.51 0.48
N LYS B 59 -2.77 6.56 0.02
CA LYS B 59 -3.14 7.99 0.17
C LYS B 59 -4.62 8.21 -0.16
N ASP B 60 -5.23 7.37 -1.01
CA ASP B 60 -6.59 7.56 -1.57
C ASP B 60 -7.64 6.74 -0.80
N TRP B 61 -7.24 6.02 0.27
CA TRP B 61 -8.11 5.21 1.16
C TRP B 61 -8.23 3.77 0.64
N SER B 62 -7.97 3.53 -0.64
CA SER B 62 -8.06 2.19 -1.29
C SER B 62 -7.11 1.21 -0.59
N PHE B 63 -7.54 -0.04 -0.39
CA PHE B 63 -6.77 -1.11 0.29
C PHE B 63 -5.95 -1.90 -0.73
N TYR B 64 -4.85 -2.52 -0.29
CA TYR B 64 -3.98 -3.39 -1.11
C TYR B 64 -3.39 -4.50 -0.24
N ILE B 65 -2.97 -5.60 -0.87
CA ILE B 65 -2.58 -6.88 -0.21
C ILE B 65 -1.87 -7.78 -1.22
N LEU B 66 -0.96 -8.63 -0.75
CA LEU B 66 -0.18 -9.59 -1.58
C LEU B 66 -0.34 -11.01 -1.03
N ALA B 67 -1.26 -11.78 -1.62
CA ALA B 67 -1.35 -13.25 -1.48
C ALA B 67 -0.25 -13.88 -2.35
N HIS B 68 0.49 -14.86 -1.80
CA HIS B 68 1.52 -15.63 -2.55
C HIS B 68 1.51 -17.09 -2.08
N THR B 69 2.13 -17.98 -2.87
CA THR B 69 2.23 -19.44 -2.62
C THR B 69 3.44 -19.99 -3.38
N GLU B 70 4.13 -20.98 -2.80
CA GLU B 70 5.20 -21.74 -3.49
C GLU B 70 4.57 -22.52 -4.64
N PHE B 71 5.22 -22.55 -5.80
CA PHE B 71 4.81 -23.36 -6.98
C PHE B 71 6.04 -23.69 -7.82
N THR B 72 5.94 -24.79 -8.58
CA THR B 72 6.96 -25.26 -9.55
C THR B 72 6.30 -25.29 -10.93
N PRO B 73 6.45 -24.24 -11.76
CA PRO B 73 5.70 -24.14 -13.02
C PRO B 73 6.03 -25.32 -13.93
N THR B 74 5.01 -25.94 -14.54
CA THR B 74 5.15 -27.04 -15.53
C THR B 74 4.73 -26.51 -16.91
N GLU B 75 4.80 -27.37 -17.92
CA GLU B 75 4.37 -27.09 -19.32
C GLU B 75 2.85 -26.91 -19.35
N THR B 76 2.12 -27.75 -18.62
CA THR B 76 0.64 -27.94 -18.74
C THR B 76 -0.12 -27.19 -17.64
N ASP B 77 0.31 -27.33 -16.38
CA ASP B 77 -0.42 -26.86 -15.17
C ASP B 77 -0.83 -25.39 -15.33
N THR B 78 -2.10 -25.08 -15.02
CA THR B 78 -2.69 -23.71 -15.05
C THR B 78 -2.69 -23.14 -13.62
N TYR B 79 -2.39 -21.85 -13.48
CA TYR B 79 -2.46 -21.09 -12.20
C TYR B 79 -3.30 -19.83 -12.42
N ALA B 80 -4.17 -19.51 -11.45
CA ALA B 80 -5.10 -18.35 -11.49
C ALA B 80 -5.22 -17.76 -10.08
N CYS B 81 -6.05 -16.72 -9.95
CA CYS B 81 -6.36 -16.03 -8.67
C CYS B 81 -7.80 -15.50 -8.72
N ARG B 82 -8.71 -16.15 -8.01
CA ARG B 82 -10.15 -15.76 -7.89
C ARG B 82 -10.29 -14.74 -6.75
N VAL B 83 -10.99 -13.63 -7.00
CA VAL B 83 -11.18 -12.50 -6.05
C VAL B 83 -12.67 -12.18 -5.93
N LYS B 84 -13.32 -12.60 -4.84
CA LYS B 84 -14.72 -12.24 -4.50
C LYS B 84 -14.69 -10.94 -3.69
N HIS B 85 -15.46 -9.93 -4.13
CA HIS B 85 -15.54 -8.60 -3.50
C HIS B 85 -16.93 -7.99 -3.77
N ALA B 86 -17.45 -7.22 -2.81
CA ALA B 86 -18.81 -6.67 -2.78
C ALA B 86 -19.07 -5.76 -3.99
N SER B 87 -18.02 -5.17 -4.57
CA SER B 87 -18.10 -4.18 -5.68
C SER B 87 -18.37 -4.86 -7.02
N MET B 88 -18.29 -6.20 -7.08
CA MET B 88 -18.43 -7.00 -8.33
C MET B 88 -19.55 -8.03 -8.15
N ALA B 89 -20.39 -8.19 -9.17
CA ALA B 89 -21.52 -9.15 -9.21
C ALA B 89 -20.99 -10.57 -8.98
N GLU B 90 -20.12 -11.04 -9.89
CA GLU B 90 -19.45 -12.37 -9.81
C GLU B 90 -18.03 -12.18 -9.28
N PRO B 91 -17.39 -13.23 -8.72
CA PRO B 91 -15.96 -13.22 -8.48
C PRO B 91 -15.16 -12.95 -9.77
N LYS B 92 -13.92 -12.51 -9.63
CA LYS B 92 -13.02 -12.11 -10.74
C LYS B 92 -11.79 -13.03 -10.70
N THR B 93 -11.53 -13.73 -11.81
CA THR B 93 -10.39 -14.68 -11.97
C THR B 93 -9.39 -14.08 -12.98
N VAL B 94 -8.13 -13.96 -12.58
CA VAL B 94 -7.00 -13.59 -13.48
C VAL B 94 -6.08 -14.82 -13.59
N TYR B 95 -5.91 -15.33 -14.81
CA TYR B 95 -5.08 -16.52 -15.13
C TYR B 95 -3.63 -16.06 -15.32
N TRP B 96 -2.69 -16.79 -14.72
CA TRP B 96 -1.23 -16.54 -14.84
C TRP B 96 -0.83 -16.57 -16.32
N ASP B 97 -0.03 -15.59 -16.74
CA ASP B 97 0.58 -15.48 -18.08
C ASP B 97 2.09 -15.29 -17.88
N ARG B 98 2.90 -16.29 -18.21
CA ARG B 98 4.34 -16.39 -17.82
C ARG B 98 5.18 -15.38 -18.60
N ASP B 99 4.63 -14.75 -19.64
CA ASP B 99 5.30 -13.69 -20.44
C ASP B 99 4.99 -12.32 -19.86
N MET B 100 4.20 -12.26 -18.78
CA MET B 100 3.77 -11.01 -18.10
C MET B 100 3.94 -11.16 -16.58
N VAL C 1 5.87 6.56 17.48
CA VAL C 1 5.01 7.29 18.45
C VAL C 1 3.77 7.82 17.71
N THR C 2 2.60 7.26 18.04
CA THR C 2 1.30 7.48 17.34
C THR C 2 0.50 8.56 18.09
N PHE C 3 -0.40 9.22 17.37
CA PHE C 3 -1.41 10.17 17.93
C PHE C 3 -2.24 9.44 18.99
N GLU C 4 -2.57 10.13 20.08
CA GLU C 4 -3.40 9.61 21.19
C GLU C 4 -4.83 10.14 21.05
N LYS C 5 -5.73 9.32 20.50
CA LYS C 5 -7.20 9.57 20.57
C LYS C 5 -7.63 9.27 22.01
N SER C 6 -7.33 10.18 22.94
CA SER C 6 -7.48 10.00 24.41
C SER C 6 -8.97 9.99 24.77
N TYR C 7 -9.72 9.02 24.23
CA TYR C 7 -11.20 8.87 24.39
C TYR C 7 -11.90 10.16 23.95
N ASN C 8 -11.57 10.63 22.74
CA ASN C 8 -12.23 11.78 22.06
C ASN C 8 -12.99 11.25 20.84
N THR C 9 -14.20 10.71 21.06
CA THR C 9 -15.03 10.07 20.02
C THR C 9 -15.63 11.16 19.13
N VAL C 10 -16.04 10.79 17.92
CA VAL C 10 -16.44 11.73 16.82
C VAL C 10 -17.97 11.90 16.85
C1 EDO D . 12.32 12.34 21.13
O1 EDO D . 11.61 12.89 22.22
C2 EDO D . 13.51 11.55 21.55
O2 EDO D . 13.17 10.34 22.19
C1 EDO E . 6.40 7.15 24.44
O1 EDO E . 6.08 5.90 23.86
C2 EDO E . 7.74 7.18 25.08
O2 EDO E . 8.49 5.99 24.91
C1 EDO F . -23.28 7.56 3.69
O1 EDO F . -23.42 8.65 2.80
C2 EDO F . -21.99 6.85 3.56
O2 EDO F . -20.87 7.71 3.61
C1 EDO G . 1.81 3.62 1.60
O1 EDO G . 0.68 3.19 2.34
C2 EDO G . 2.16 5.04 1.85
O2 EDO G . 2.84 5.25 3.07
#